data_8BL1
#
_entry.id   8BL1
#
_cell.length_a   91.688
_cell.length_b   91.688
_cell.length_c   144.350
_cell.angle_alpha   90.000
_cell.angle_beta   90.000
_cell.angle_gamma   120.000
#
_symmetry.space_group_name_H-M   'P 63'
#
loop_
_entity.id
_entity.type
_entity.pdbx_description
1 polymer 'NAD-dependent protein deacetylase sirtuin-6'
2 non-polymer '[(2R,3S,4R,5R)-5-(6-AMINOPURIN-9-YL)-3,4-DIHYDROXY-OXOLAN-2-YL]METHYL [HYDROXY-[[(2R,3S,4R,5S)-3,4,5-TRIHYDROXYOXOLAN-2-YL]METHOXY]PHOSPHORYL] HYDROGEN PHOSPHATE'
3 non-polymer 'ZINC ION'
4 non-polymer 2-azanyl-5-[4-[[5-(2-fluorophenyl)thiophen-2-yl]methyl]piperazin-1-yl]sulfonyl-benzenesulfonamide
5 non-polymer DI(HYDROXYETHYL)ETHER
6 non-polymer 'SULFATE ION'
7 non-polymer 'CHLORIDE ION'
8 water water
#
_entity_poly.entity_id   1
_entity_poly.type   'polypeptide(L)'
_entity_poly.pdbx_seq_one_letter_code
;GIDPFTADKGKCGLPEIFDPPEELERKVWELARLVWQSSSVVFHTGAGISTASGIPDFRGPHGVWTMEERGLAPKFDTTF
ESARPTQTHMALVQLERVGLLRFLVSQNVDGLHVRSGFPRDKLAELHGNMFVEECAKCKTQYVRDTVVGTMGLKATGRLC
TVAKARGLRACRGELRDTILDWEDSLPDRDLALADEASRNADLSITLGTSLQIRPSGNLPLATKRRGGRLVIVNLQPTKH
DRHADLRIHGYVDEVMTRLMKHLGLEIPAWDGPRVLERALPPLPRPPTPKLEPKEESPTRIN
;
_entity_poly.pdbx_strand_id   A,B
#
# COMPACT_ATOMS: atom_id res chain seq x y z
N PRO A 4 1.22 -21.23 -24.10
CA PRO A 4 1.74 -20.92 -22.77
C PRO A 4 3.11 -20.21 -22.83
N PHE A 5 3.92 -20.58 -23.82
CA PHE A 5 5.13 -19.81 -24.19
C PHE A 5 4.69 -18.72 -25.16
N THR A 6 3.74 -19.02 -26.05
CA THR A 6 3.36 -18.16 -27.19
C THR A 6 2.03 -17.43 -26.92
N ALA A 7 1.32 -17.80 -25.84
CA ALA A 7 0.06 -17.12 -25.40
C ALA A 7 0.20 -15.62 -25.63
N ASP A 8 -0.74 -15.02 -26.37
CA ASP A 8 -0.79 -13.56 -26.66
C ASP A 8 -1.04 -12.81 -25.35
N LYS A 9 -0.16 -11.89 -25.00
CA LYS A 9 -0.22 -11.15 -23.71
C LYS A 9 -0.74 -9.72 -23.95
N GLY A 10 -1.25 -9.43 -25.16
CA GLY A 10 -1.90 -8.16 -25.52
C GLY A 10 -0.90 -7.02 -25.62
N LYS A 11 -1.36 -5.79 -25.53
CA LYS A 11 -0.53 -4.57 -25.65
C LYS A 11 -0.01 -4.21 -24.25
N CYS A 12 1.29 -4.00 -24.13
CA CYS A 12 1.96 -3.92 -22.80
C CYS A 12 2.76 -2.62 -22.80
N GLY A 13 2.65 -1.79 -21.76
CA GLY A 13 3.56 -0.63 -21.56
C GLY A 13 3.20 0.54 -22.42
N LEU A 14 1.93 0.66 -22.81
CA LEU A 14 1.38 1.88 -23.41
C LEU A 14 1.54 3.06 -22.45
N PRO A 15 1.64 4.31 -22.95
CA PRO A 15 1.91 5.46 -22.07
C PRO A 15 0.77 5.75 -21.08
N GLU A 16 1.11 6.19 -19.87
CA GLU A 16 0.10 6.63 -18.88
C GLU A 16 -0.49 7.99 -19.31
N ILE A 17 -1.78 8.21 -19.07
CA ILE A 17 -2.46 9.52 -19.22
C ILE A 17 -2.74 10.02 -17.79
N PHE A 18 -2.49 11.30 -17.53
CA PHE A 18 -2.85 12.03 -16.29
C PHE A 18 -3.75 13.20 -16.68
N ASP A 19 -5.03 13.13 -16.32
CA ASP A 19 -5.93 14.31 -16.37
C ASP A 19 -5.36 15.37 -15.44
N PRO A 20 -5.37 16.66 -15.83
CA PRO A 20 -4.96 17.74 -14.92
C PRO A 20 -5.97 17.86 -13.78
N PRO A 21 -5.60 18.48 -12.63
CA PRO A 21 -6.40 18.42 -11.41
C PRO A 21 -7.86 18.93 -11.50
N GLU A 22 -8.08 20.00 -12.26
CA GLU A 22 -9.40 20.63 -12.46
C GLU A 22 -10.28 19.66 -13.24
N GLU A 23 -9.73 19.05 -14.28
CA GLU A 23 -10.47 18.11 -15.16
C GLU A 23 -10.81 16.87 -14.33
N LEU A 24 -9.83 16.36 -13.56
CA LEU A 24 -9.97 15.19 -12.65
C LEU A 24 -11.09 15.49 -11.64
N GLU A 25 -11.00 16.60 -10.92
CA GLU A 25 -12.03 17.06 -9.94
C GLU A 25 -13.41 17.10 -10.63
N ARG A 26 -13.48 17.63 -11.85
CA ARG A 26 -14.77 17.73 -12.58
C ARG A 26 -15.26 16.32 -12.95
N LYS A 27 -14.37 15.40 -13.32
CA LYS A 27 -14.78 14.03 -13.72
C LYS A 27 -15.23 13.20 -12.50
N VAL A 28 -14.62 13.39 -11.34
CA VAL A 28 -14.99 12.59 -10.13
C VAL A 28 -16.35 13.05 -9.59
N TRP A 29 -16.70 14.32 -9.78
CA TRP A 29 -18.05 14.87 -9.44
C TRP A 29 -19.11 14.23 -10.34
N GLU A 30 -18.81 14.07 -11.62
CA GLU A 30 -19.73 13.49 -12.62
C GLU A 30 -19.91 12.01 -12.30
N LEU A 31 -18.83 11.33 -11.84
CA LEU A 31 -18.92 9.92 -11.35
C LEU A 31 -19.86 9.87 -10.13
N ALA A 32 -19.74 10.82 -9.19
CA ALA A 32 -20.66 10.94 -8.02
C ALA A 32 -22.13 11.06 -8.50
N ARG A 33 -22.40 11.98 -9.45
CA ARG A 33 -23.72 12.20 -10.10
C ARG A 33 -24.27 10.89 -10.70
N LEU A 34 -23.45 10.06 -11.34
CA LEU A 34 -23.91 8.80 -11.99
C LEU A 34 -24.23 7.75 -10.92
N VAL A 35 -23.47 7.71 -9.82
CA VAL A 35 -23.70 6.73 -8.72
C VAL A 35 -25.05 7.08 -8.09
N TRP A 36 -25.29 8.36 -7.83
CA TRP A 36 -26.54 8.88 -7.22
C TRP A 36 -27.76 8.48 -8.06
N GLN A 37 -27.68 8.58 -9.39
CA GLN A 37 -28.78 8.35 -10.36
C GLN A 37 -29.01 6.87 -10.61
N SER A 38 -28.06 6.01 -10.26
CA SER A 38 -28.07 4.59 -10.69
C SER A 38 -28.81 3.74 -9.67
N SER A 39 -29.71 2.89 -10.17
CA SER A 39 -30.41 1.84 -9.40
C SER A 39 -29.45 0.68 -9.09
N SER A 40 -28.52 0.39 -9.98
CA SER A 40 -27.75 -0.88 -9.96
C SER A 40 -26.32 -0.60 -10.44
N VAL A 41 -25.37 -0.40 -9.50
CA VAL A 41 -23.93 -0.15 -9.80
C VAL A 41 -23.11 -1.44 -9.66
N VAL A 42 -22.43 -1.85 -10.74
CA VAL A 42 -21.46 -2.97 -10.76
C VAL A 42 -20.06 -2.40 -11.00
N PHE A 43 -19.11 -2.84 -10.17
CA PHE A 43 -17.68 -2.50 -10.26
C PHE A 43 -16.92 -3.70 -10.79
N HIS A 44 -15.96 -3.42 -11.67
CA HIS A 44 -15.13 -4.39 -12.41
C HIS A 44 -13.67 -4.06 -12.04
N THR A 45 -12.93 -4.92 -11.34
CA THR A 45 -11.54 -4.57 -10.91
C THR A 45 -10.46 -5.49 -11.51
N GLY A 46 -9.29 -4.87 -11.75
CA GLY A 46 -8.08 -5.45 -12.37
C GLY A 46 -6.89 -5.04 -11.52
N ALA A 47 -5.72 -5.55 -11.89
CA ALA A 47 -4.47 -5.60 -11.10
C ALA A 47 -4.10 -4.19 -10.63
N GLY A 48 -4.47 -3.15 -11.37
CA GLY A 48 -4.29 -1.72 -11.02
C GLY A 48 -4.83 -1.34 -9.65
N ILE A 49 -5.84 -2.03 -9.11
CA ILE A 49 -6.32 -1.64 -7.74
C ILE A 49 -5.36 -2.18 -6.67
N SER A 50 -4.34 -2.97 -7.00
CA SER A 50 -3.45 -3.63 -6.00
C SER A 50 -2.00 -3.12 -6.15
N THR A 51 -1.74 -2.22 -7.10
CA THR A 51 -0.38 -1.63 -7.29
C THR A 51 0.01 -0.78 -6.08
N ALA A 52 -0.94 -0.06 -5.44
CA ALA A 52 -0.63 0.81 -4.28
C ALA A 52 -0.37 -0.03 -3.03
N SER A 53 -0.67 -1.33 -3.03
CA SER A 53 -0.32 -2.30 -1.94
C SER A 53 0.95 -3.12 -2.23
N GLY A 54 1.70 -2.81 -3.30
CA GLY A 54 3.06 -3.41 -3.57
C GLY A 54 3.08 -4.48 -4.64
N ILE A 55 1.92 -4.82 -5.19
CA ILE A 55 1.73 -5.91 -6.18
C ILE A 55 1.72 -5.29 -7.58
N PRO A 56 2.69 -5.66 -8.45
CA PRO A 56 2.83 -5.08 -9.75
C PRO A 56 1.64 -5.57 -10.59
N ASP A 57 1.18 -4.75 -11.50
CA ASP A 57 0.19 -5.19 -12.53
C ASP A 57 0.87 -6.00 -13.66
N PHE A 58 0.11 -6.25 -14.73
CA PHE A 58 0.54 -7.06 -15.91
C PHE A 58 1.04 -6.18 -17.05
N ARG A 59 0.36 -5.08 -17.36
CA ARG A 59 0.63 -4.39 -18.66
C ARG A 59 0.98 -2.92 -18.46
N GLY A 60 0.98 -2.40 -17.23
CA GLY A 60 1.48 -1.06 -16.85
C GLY A 60 2.98 -0.94 -17.14
N PRO A 61 3.61 0.24 -16.91
CA PRO A 61 4.97 0.45 -17.35
C PRO A 61 5.94 -0.58 -16.77
N HIS A 62 5.72 -0.99 -15.51
CA HIS A 62 6.52 -1.99 -14.76
C HIS A 62 5.71 -3.27 -14.53
N GLY A 63 4.79 -3.60 -15.45
CA GLY A 63 3.98 -4.83 -15.40
C GLY A 63 4.74 -6.12 -15.62
N VAL A 64 4.30 -7.22 -14.98
CA VAL A 64 4.81 -8.61 -15.14
C VAL A 64 5.06 -8.90 -16.65
N TRP A 65 4.07 -8.74 -17.54
CA TRP A 65 4.25 -8.99 -19.00
C TRP A 65 5.15 -7.92 -19.65
N THR A 66 4.91 -6.65 -19.36
CA THR A 66 5.77 -5.54 -19.86
C THR A 66 7.25 -5.82 -19.59
N MET A 67 7.61 -6.24 -18.38
CA MET A 67 9.05 -6.34 -18.02
C MET A 67 9.63 -7.60 -18.68
N GLU A 68 8.84 -8.67 -18.76
CA GLU A 68 9.17 -9.89 -19.55
C GLU A 68 9.55 -9.51 -21.00
N GLU A 69 8.76 -8.66 -21.66
CA GLU A 69 8.95 -8.20 -23.07
C GLU A 69 10.30 -7.51 -23.22
N ARG A 70 10.78 -6.80 -22.19
CA ARG A 70 12.07 -6.07 -22.19
C ARG A 70 13.17 -6.91 -21.52
N GLY A 71 12.87 -8.15 -21.12
CA GLY A 71 13.85 -9.03 -20.45
C GLY A 71 14.18 -8.56 -19.04
N LEU A 72 13.23 -7.96 -18.34
CA LEU A 72 13.41 -7.51 -16.93
C LEU A 72 12.45 -8.29 -16.03
N ALA A 73 12.61 -8.17 -14.71
CA ALA A 73 11.78 -8.87 -13.70
C ALA A 73 10.77 -7.86 -13.16
N PRO A 74 9.50 -8.24 -12.89
CA PRO A 74 8.60 -7.39 -12.11
C PRO A 74 9.11 -7.34 -10.67
N LYS A 75 8.67 -6.36 -9.90
CA LYS A 75 9.16 -6.11 -8.52
C LYS A 75 7.93 -6.06 -7.59
N PHE A 76 7.93 -6.94 -6.59
CA PHE A 76 6.96 -6.99 -5.48
C PHE A 76 7.57 -6.28 -4.28
N ASP A 77 6.77 -5.44 -3.61
CA ASP A 77 7.17 -4.69 -2.39
C ASP A 77 6.50 -5.35 -1.18
N THR A 78 5.83 -6.48 -1.41
CA THR A 78 5.03 -7.24 -0.42
C THR A 78 4.96 -8.70 -0.84
N THR A 79 4.58 -9.59 0.09
CA THR A 79 4.11 -10.95 -0.21
C THR A 79 2.60 -10.86 -0.40
N PHE A 80 1.98 -11.85 -1.03
CA PHE A 80 0.50 -11.88 -1.10
C PHE A 80 -0.09 -11.90 0.31
N GLU A 81 0.56 -12.61 1.23
CA GLU A 81 0.13 -12.79 2.64
C GLU A 81 0.25 -11.50 3.46
N SER A 82 1.30 -10.71 3.27
CA SER A 82 1.49 -9.47 4.06
C SER A 82 0.81 -8.28 3.36
N ALA A 83 0.20 -8.49 2.20
CA ALA A 83 -0.37 -7.40 1.38
C ALA A 83 -1.58 -6.84 2.12
N ARG A 84 -1.72 -5.52 2.24
CA ARG A 84 -2.93 -4.91 2.81
C ARG A 84 -3.82 -4.42 1.67
N PRO A 85 -5.14 -4.64 1.81
CA PRO A 85 -6.11 -4.04 0.91
C PRO A 85 -5.89 -2.52 0.85
N THR A 86 -6.03 -1.92 -0.34
CA THR A 86 -5.90 -0.46 -0.56
C THR A 86 -7.15 0.27 -0.07
N GLN A 87 -7.04 1.60 -0.09
CA GLN A 87 -8.10 2.60 0.03
C GLN A 87 -9.28 2.28 -0.91
N THR A 88 -8.99 1.83 -2.13
CA THR A 88 -9.98 1.43 -3.16
C THR A 88 -10.66 0.14 -2.70
N HIS A 89 -9.92 -0.83 -2.15
CA HIS A 89 -10.50 -2.11 -1.65
C HIS A 89 -11.49 -1.84 -0.50
N MET A 90 -11.08 -1.02 0.47
CA MET A 90 -11.91 -0.60 1.63
C MET A 90 -13.04 0.34 1.21
N ALA A 91 -12.87 1.19 0.18
CA ALA A 91 -13.98 2.00 -0.37
C ALA A 91 -15.06 1.06 -0.94
N LEU A 92 -14.68 0.00 -1.65
CA LEU A 92 -15.67 -0.92 -2.27
C LEU A 92 -16.44 -1.72 -1.20
N VAL A 93 -15.77 -2.05 -0.09
CA VAL A 93 -16.35 -2.76 1.08
C VAL A 93 -17.53 -1.90 1.57
N GLN A 94 -17.29 -0.61 1.80
CA GLN A 94 -18.25 0.36 2.39
C GLN A 94 -19.39 0.64 1.43
N LEU A 95 -19.12 0.69 0.12
CA LEU A 95 -20.13 1.07 -0.90
C LEU A 95 -21.19 -0.06 -0.95
N GLU A 96 -20.76 -1.29 -0.77
CA GLU A 96 -21.66 -2.49 -0.73
C GLU A 96 -22.46 -2.43 0.57
N ARG A 97 -21.85 -2.01 1.70
CA ARG A 97 -22.51 -2.07 3.03
C ARG A 97 -23.68 -1.09 3.10
N VAL A 98 -23.61 0.03 2.35
CA VAL A 98 -24.66 1.10 2.36
C VAL A 98 -25.56 0.94 1.14
N GLY A 99 -25.38 -0.13 0.36
CA GLY A 99 -26.30 -0.53 -0.72
C GLY A 99 -26.02 0.18 -2.04
N LEU A 100 -24.87 0.83 -2.18
CA LEU A 100 -24.58 1.67 -3.36
C LEU A 100 -23.87 0.87 -4.46
N LEU A 101 -23.34 -0.33 -4.15
CA LEU A 101 -22.69 -1.30 -5.09
C LEU A 101 -23.56 -2.55 -5.09
N ARG A 102 -23.97 -3.07 -6.26
CA ARG A 102 -24.82 -4.29 -6.38
C ARG A 102 -23.92 -5.55 -6.48
N PHE A 103 -22.87 -5.50 -7.29
CA PHE A 103 -21.99 -6.66 -7.57
C PHE A 103 -20.58 -6.19 -7.93
N LEU A 104 -19.61 -6.98 -7.51
CA LEU A 104 -18.17 -6.71 -7.74
C LEU A 104 -17.63 -7.85 -8.58
N VAL A 105 -17.17 -7.56 -9.81
CA VAL A 105 -16.47 -8.55 -10.66
C VAL A 105 -14.96 -8.28 -10.72
N SER A 106 -14.10 -9.23 -10.32
CA SER A 106 -12.63 -9.03 -10.33
C SER A 106 -11.94 -10.13 -11.13
N GLN A 107 -10.87 -9.71 -11.82
CA GLN A 107 -9.91 -10.55 -12.52
C GLN A 107 -8.72 -10.86 -11.59
N ASN A 108 -8.69 -10.30 -10.37
CA ASN A 108 -7.50 -10.40 -9.48
C ASN A 108 -7.51 -11.72 -8.69
N VAL A 109 -6.35 -12.38 -8.68
CA VAL A 109 -6.10 -13.66 -7.98
C VAL A 109 -5.42 -13.37 -6.64
N ASP A 110 -5.17 -12.09 -6.31
CA ASP A 110 -4.40 -11.67 -5.10
C ASP A 110 -5.13 -11.90 -3.76
N GLY A 111 -6.38 -12.35 -3.75
CA GLY A 111 -7.12 -12.68 -2.51
C GLY A 111 -7.65 -11.50 -1.69
N LEU A 112 -7.45 -10.26 -2.13
CA LEU A 112 -7.52 -9.04 -1.27
C LEU A 112 -8.96 -8.55 -1.13
N HIS A 113 -9.81 -8.70 -2.15
CA HIS A 113 -11.26 -8.43 -1.98
C HIS A 113 -11.80 -9.32 -0.84
N VAL A 114 -11.49 -10.61 -0.85
CA VAL A 114 -11.98 -11.57 0.20
C VAL A 114 -11.42 -11.15 1.57
N ARG A 115 -10.12 -10.87 1.68
CA ARG A 115 -9.47 -10.54 2.99
C ARG A 115 -9.97 -9.18 3.51
N SER A 116 -10.47 -8.31 2.63
CA SER A 116 -10.96 -6.94 2.95
C SER A 116 -12.27 -7.01 3.73
N GLY A 117 -12.94 -8.17 3.68
CA GLY A 117 -14.20 -8.46 4.37
C GLY A 117 -15.35 -8.32 3.40
N PHE A 118 -15.06 -8.34 2.11
CA PHE A 118 -16.09 -8.10 1.07
C PHE A 118 -16.98 -9.35 1.00
N PRO A 119 -18.32 -9.28 1.02
CA PRO A 119 -19.12 -10.51 0.96
C PRO A 119 -18.90 -11.30 -0.34
N ARG A 120 -18.44 -12.55 -0.18
CA ARG A 120 -18.22 -13.54 -1.27
C ARG A 120 -19.46 -13.70 -2.15
N ASP A 121 -20.66 -13.63 -1.56
CA ASP A 121 -21.93 -13.81 -2.32
C ASP A 121 -22.19 -12.59 -3.23
N LYS A 122 -21.43 -11.49 -3.11
CA LYS A 122 -21.53 -10.39 -4.10
C LYS A 122 -20.23 -10.24 -4.89
N LEU A 123 -19.37 -11.26 -4.90
CA LEU A 123 -18.07 -11.21 -5.62
C LEU A 123 -17.95 -12.32 -6.66
N ALA A 124 -17.57 -12.00 -7.90
CA ALA A 124 -17.11 -12.95 -8.93
C ALA A 124 -15.58 -12.83 -9.05
N GLU A 125 -14.86 -13.91 -8.75
CA GLU A 125 -13.38 -14.03 -8.90
C GLU A 125 -13.10 -14.83 -10.17
N LEU A 126 -13.09 -14.11 -11.28
CA LEU A 126 -13.13 -14.67 -12.66
C LEU A 126 -11.93 -15.57 -12.90
N HIS A 127 -10.74 -15.21 -12.37
CA HIS A 127 -9.47 -15.90 -12.68
C HIS A 127 -9.03 -16.69 -11.45
N GLY A 128 -9.91 -16.80 -10.44
CA GLY A 128 -9.65 -17.57 -9.20
C GLY A 128 -8.98 -16.74 -8.13
N ASN A 129 -8.53 -17.40 -7.06
CA ASN A 129 -8.07 -16.77 -5.79
C ASN A 129 -6.95 -17.62 -5.21
N MET A 130 -5.81 -16.99 -4.88
CA MET A 130 -4.53 -17.71 -4.56
C MET A 130 -4.67 -18.43 -3.22
N PHE A 131 -5.56 -17.92 -2.36
CA PHE A 131 -5.78 -18.43 -1.00
C PHE A 131 -6.86 -19.51 -1.03
N VAL A 132 -7.55 -19.72 -2.16
CA VAL A 132 -8.75 -20.60 -2.19
C VAL A 132 -8.43 -21.90 -2.90
N GLU A 133 -8.75 -23.02 -2.24
CA GLU A 133 -8.73 -24.36 -2.86
C GLU A 133 -10.16 -24.92 -2.84
N GLU A 134 -10.47 -25.77 -3.81
CA GLU A 134 -11.84 -26.30 -4.07
C GLU A 134 -11.75 -27.83 -4.12
N CYS A 135 -12.70 -28.54 -3.50
CA CYS A 135 -12.81 -30.03 -3.55
C CYS A 135 -13.34 -30.44 -4.92
N ALA A 136 -12.65 -31.35 -5.59
CA ALA A 136 -13.02 -31.86 -6.93
C ALA A 136 -14.37 -32.60 -6.88
N LYS A 137 -14.75 -33.14 -5.73
CA LYS A 137 -16.01 -33.92 -5.56
C LYS A 137 -17.17 -33.00 -5.18
N CYS A 138 -17.17 -32.45 -3.96
CA CYS A 138 -18.31 -31.68 -3.42
C CYS A 138 -18.22 -30.20 -3.81
N LYS A 139 -17.13 -29.78 -4.47
CA LYS A 139 -16.96 -28.40 -4.99
C LYS A 139 -16.91 -27.40 -3.83
N THR A 140 -16.68 -27.89 -2.59
CA THR A 140 -16.56 -27.06 -1.37
C THR A 140 -15.25 -26.29 -1.43
N GLN A 141 -15.31 -25.00 -1.09
CA GLN A 141 -14.17 -24.06 -1.18
C GLN A 141 -13.64 -23.82 0.23
N TYR A 142 -12.33 -23.61 0.34
CA TYR A 142 -11.64 -23.28 1.62
C TYR A 142 -10.83 -22.00 1.42
N VAL A 143 -11.02 -21.02 2.30
CA VAL A 143 -10.28 -19.73 2.24
C VAL A 143 -9.17 -19.89 3.27
N ARG A 144 -7.93 -20.09 2.80
CA ARG A 144 -6.74 -20.35 3.65
C ARG A 144 -6.13 -19.01 4.07
N ASP A 145 -5.33 -19.02 5.14
CA ASP A 145 -4.62 -17.81 5.66
C ASP A 145 -3.25 -17.69 4.98
N THR A 146 -2.85 -18.70 4.20
CA THR A 146 -1.62 -18.71 3.34
C THR A 146 -1.99 -19.10 1.92
N VAL A 147 -1.11 -18.76 0.97
CA VAL A 147 -1.36 -18.98 -0.48
C VAL A 147 -1.24 -20.48 -0.72
N VAL A 148 -2.21 -21.04 -1.44
CA VAL A 148 -2.22 -22.42 -1.98
C VAL A 148 -1.07 -22.52 -3.00
N GLY A 149 -0.13 -23.45 -2.77
CA GLY A 149 1.22 -23.46 -3.38
C GLY A 149 1.26 -23.83 -4.86
N THR A 150 0.14 -24.22 -5.47
CA THR A 150 0.07 -24.60 -6.92
C THR A 150 -0.77 -23.60 -7.74
N MET A 151 -0.69 -23.70 -9.07
CA MET A 151 -1.50 -22.93 -10.06
C MET A 151 -1.93 -23.89 -11.18
N GLY A 152 -3.09 -23.67 -11.78
CA GLY A 152 -3.59 -24.42 -12.95
C GLY A 152 -4.55 -25.53 -12.61
N LEU A 153 -5.38 -25.35 -11.57
CA LEU A 153 -6.42 -26.31 -11.09
C LEU A 153 -5.77 -27.67 -10.78
N LYS A 154 -4.60 -27.65 -10.12
CA LYS A 154 -3.83 -28.87 -9.72
C LYS A 154 -4.20 -29.32 -8.30
N ALA A 155 -3.81 -30.52 -7.93
CA ALA A 155 -3.88 -31.08 -6.56
C ALA A 155 -2.86 -30.34 -5.71
N THR A 156 -3.31 -29.84 -4.54
CA THR A 156 -2.48 -29.11 -3.55
C THR A 156 -1.84 -30.11 -2.59
N GLY A 157 -2.49 -31.27 -2.41
CA GLY A 157 -2.00 -32.37 -1.55
C GLY A 157 -2.89 -32.54 -0.33
N ARG A 158 -3.77 -31.58 -0.07
CA ARG A 158 -4.75 -31.67 1.05
C ARG A 158 -6.01 -32.35 0.51
N LEU A 159 -6.78 -32.94 1.43
CA LEU A 159 -8.07 -33.65 1.19
C LEU A 159 -9.19 -32.90 1.92
N CYS A 160 -10.43 -33.13 1.48
CA CYS A 160 -11.68 -32.48 1.93
C CYS A 160 -12.09 -32.98 3.33
N THR A 161 -12.59 -32.08 4.20
CA THR A 161 -12.99 -32.38 5.60
C THR A 161 -14.52 -32.37 5.75
N VAL A 162 -15.28 -32.18 4.68
CA VAL A 162 -16.77 -32.06 4.73
C VAL A 162 -17.34 -33.31 5.43
N ALA A 163 -18.23 -33.10 6.41
CA ALA A 163 -18.82 -34.16 7.28
C ALA A 163 -19.42 -35.28 6.42
N CYS A 171 -15.59 -36.69 3.22
CA CYS A 171 -15.53 -36.65 1.74
C CYS A 171 -14.14 -37.11 1.26
N ARG A 172 -13.07 -36.59 1.88
CA ARG A 172 -11.65 -36.89 1.55
C ARG A 172 -11.39 -36.59 0.06
N GLY A 173 -12.26 -35.80 -0.58
CA GLY A 173 -12.05 -35.34 -1.96
C GLY A 173 -10.72 -34.60 -2.08
N GLU A 174 -10.06 -34.75 -3.23
CA GLU A 174 -8.78 -34.07 -3.56
C GLU A 174 -9.05 -32.58 -3.71
N LEU A 175 -8.33 -31.75 -2.94
CA LEU A 175 -8.38 -30.27 -3.02
C LEU A 175 -7.47 -29.82 -4.18
N ARG A 176 -7.94 -28.85 -4.96
CA ARG A 176 -7.22 -28.24 -6.12
C ARG A 176 -7.24 -26.72 -5.98
N ASP A 177 -6.25 -26.03 -6.54
CA ASP A 177 -6.22 -24.54 -6.62
C ASP A 177 -7.36 -24.05 -7.54
N THR A 178 -7.61 -22.74 -7.51
CA THR A 178 -8.65 -22.04 -8.31
C THR A 178 -7.99 -21.16 -9.39
N ILE A 179 -6.67 -21.24 -9.59
CA ILE A 179 -5.95 -20.35 -10.53
C ILE A 179 -6.02 -20.94 -11.95
N LEU A 180 -6.81 -20.31 -12.82
CA LEU A 180 -6.96 -20.66 -14.25
C LEU A 180 -5.59 -20.54 -14.94
N ASP A 181 -5.21 -21.56 -15.70
CA ASP A 181 -4.12 -21.49 -16.71
C ASP A 181 -4.68 -20.82 -17.96
N TRP A 182 -3.82 -20.34 -18.88
CA TRP A 182 -4.20 -19.64 -20.14
C TRP A 182 -5.37 -20.37 -20.82
N GLU A 183 -5.34 -21.71 -20.86
CA GLU A 183 -6.30 -22.53 -21.66
C GLU A 183 -7.62 -22.69 -20.91
N ASP A 184 -7.58 -22.69 -19.57
CA ASP A 184 -8.74 -23.03 -18.70
C ASP A 184 -9.81 -21.93 -18.83
N SER A 185 -11.06 -22.33 -19.07
CA SER A 185 -12.22 -21.41 -19.14
C SER A 185 -12.65 -21.03 -17.72
N LEU A 186 -13.35 -19.90 -17.61
CA LEU A 186 -13.76 -19.26 -16.33
C LEU A 186 -14.72 -20.17 -15.58
N PRO A 187 -14.81 -20.06 -14.23
CA PRO A 187 -15.80 -20.79 -13.46
C PRO A 187 -17.22 -20.39 -13.86
N ASP A 188 -18.07 -21.39 -14.13
CA ASP A 188 -19.44 -21.22 -14.69
C ASP A 188 -20.29 -20.36 -13.75
N ARG A 189 -20.18 -20.60 -12.44
CA ARG A 189 -20.99 -19.90 -11.41
C ARG A 189 -20.62 -18.40 -11.41
N ASP A 190 -19.34 -18.09 -11.20
CA ASP A 190 -18.85 -16.68 -11.09
C ASP A 190 -19.19 -15.91 -12.37
N LEU A 191 -18.94 -16.51 -13.54
CA LEU A 191 -19.10 -15.87 -14.87
C LEU A 191 -20.58 -15.62 -15.13
N ALA A 192 -21.42 -16.62 -14.86
CA ALA A 192 -22.88 -16.49 -15.03
C ALA A 192 -23.38 -15.32 -14.16
N LEU A 193 -23.03 -15.31 -12.87
CA LEU A 193 -23.41 -14.22 -11.91
C LEU A 193 -22.83 -12.87 -12.37
N ALA A 194 -21.58 -12.84 -12.86
CA ALA A 194 -20.91 -11.61 -13.36
C ALA A 194 -21.69 -11.06 -14.57
N ASP A 195 -22.00 -11.93 -15.53
CA ASP A 195 -22.78 -11.61 -16.76
C ASP A 195 -24.13 -11.01 -16.34
N GLU A 196 -24.85 -11.69 -15.46
CA GLU A 196 -26.23 -11.30 -15.05
C GLU A 196 -26.21 -9.89 -14.45
N ALA A 197 -25.35 -9.66 -13.46
CA ALA A 197 -25.17 -8.35 -12.77
C ALA A 197 -24.75 -7.28 -13.79
N SER A 198 -23.91 -7.65 -14.76
CA SER A 198 -23.43 -6.73 -15.82
C SER A 198 -24.58 -6.31 -16.74
N ARG A 199 -25.36 -7.28 -17.24
CA ARG A 199 -26.51 -7.02 -18.15
C ARG A 199 -27.56 -6.11 -17.49
N ASN A 200 -27.85 -6.35 -16.20
CA ASN A 200 -28.93 -5.66 -15.44
C ASN A 200 -28.45 -4.33 -14.88
N ALA A 201 -27.14 -4.05 -14.92
CA ALA A 201 -26.59 -2.80 -14.32
C ALA A 201 -27.01 -1.60 -15.16
N ASP A 202 -27.30 -0.46 -14.52
CA ASP A 202 -27.39 0.83 -15.23
C ASP A 202 -26.06 1.58 -15.08
N LEU A 203 -25.16 1.14 -14.19
CA LEU A 203 -23.79 1.74 -14.12
C LEU A 203 -22.73 0.65 -13.92
N SER A 204 -21.78 0.56 -14.85
CA SER A 204 -20.59 -0.33 -14.72
C SER A 204 -19.38 0.61 -14.65
N ILE A 205 -18.56 0.49 -13.60
CA ILE A 205 -17.31 1.29 -13.35
C ILE A 205 -16.17 0.27 -13.31
N THR A 206 -15.20 0.42 -14.22
CA THR A 206 -13.98 -0.41 -14.31
C THR A 206 -12.84 0.31 -13.60
N LEU A 207 -12.06 -0.39 -12.76
CA LEU A 207 -11.04 0.20 -11.85
C LEU A 207 -9.72 -0.53 -12.11
N GLY A 208 -8.72 0.13 -12.67
CA GLY A 208 -7.40 -0.50 -12.88
C GLY A 208 -7.51 -1.81 -13.66
N THR A 209 -8.34 -1.86 -14.71
CA THR A 209 -8.25 -2.96 -15.73
C THR A 209 -8.04 -2.33 -17.13
N SER A 210 -7.23 -2.98 -17.96
CA SER A 210 -6.98 -2.55 -19.35
C SER A 210 -7.95 -3.25 -20.32
N LEU A 211 -8.78 -4.15 -19.78
CA LEU A 211 -10.01 -4.77 -20.38
C LEU A 211 -9.68 -5.61 -21.61
N GLN A 212 -8.49 -6.19 -21.66
CA GLN A 212 -7.96 -6.84 -22.89
C GLN A 212 -8.30 -8.33 -22.93
N ILE A 213 -8.73 -8.92 -21.81
CA ILE A 213 -9.03 -10.37 -21.65
C ILE A 213 -10.52 -10.61 -21.90
N ARG A 214 -10.84 -11.54 -22.81
CA ARG A 214 -12.18 -12.11 -23.03
C ARG A 214 -12.37 -13.30 -22.11
N PRO A 215 -13.57 -13.52 -21.52
CA PRO A 215 -14.70 -12.58 -21.60
C PRO A 215 -14.70 -11.52 -20.49
N SER A 216 -13.74 -11.60 -19.56
CA SER A 216 -13.64 -10.70 -18.39
C SER A 216 -13.83 -9.24 -18.79
N GLY A 217 -13.06 -8.79 -19.79
CA GLY A 217 -12.91 -7.37 -20.18
C GLY A 217 -14.05 -6.90 -21.03
N ASN A 218 -14.92 -7.79 -21.48
CA ASN A 218 -16.11 -7.43 -22.30
C ASN A 218 -17.34 -7.23 -21.41
N LEU A 219 -17.37 -7.78 -20.18
CA LEU A 219 -18.56 -7.73 -19.29
C LEU A 219 -19.06 -6.31 -19.06
N PRO A 220 -18.20 -5.30 -18.78
CA PRO A 220 -18.67 -3.93 -18.68
C PRO A 220 -19.46 -3.43 -19.93
N LEU A 221 -19.13 -3.92 -21.14
CA LEU A 221 -19.86 -3.56 -22.40
C LEU A 221 -21.32 -4.01 -22.33
N ALA A 222 -21.64 -5.10 -21.63
CA ALA A 222 -23.00 -5.67 -21.49
C ALA A 222 -23.92 -4.66 -20.78
N THR A 223 -23.36 -3.84 -19.89
CA THR A 223 -24.10 -2.72 -19.25
C THR A 223 -24.56 -1.74 -20.34
N LYS A 224 -23.80 -1.55 -21.42
CA LYS A 224 -24.09 -0.52 -22.47
C LYS A 224 -25.37 -0.84 -23.24
N ARG A 225 -25.75 -2.11 -23.33
CA ARG A 225 -27.02 -2.57 -23.96
C ARG A 225 -28.21 -2.17 -23.08
N ARG A 226 -29.20 -1.49 -23.67
CA ARG A 226 -30.43 -0.94 -23.05
C ARG A 226 -30.08 0.27 -22.17
N GLY A 227 -29.04 1.02 -22.55
CA GLY A 227 -28.89 2.44 -22.20
C GLY A 227 -28.07 2.67 -20.93
N GLY A 228 -27.44 1.63 -20.39
CA GLY A 228 -26.58 1.73 -19.20
C GLY A 228 -25.34 2.55 -19.50
N ARG A 229 -24.75 3.16 -18.47
CA ARG A 229 -23.55 4.04 -18.54
C ARG A 229 -22.29 3.24 -18.17
N LEU A 230 -21.18 3.49 -18.87
CA LEU A 230 -19.88 2.83 -18.60
C LEU A 230 -18.89 3.92 -18.17
N VAL A 231 -18.22 3.75 -17.02
CA VAL A 231 -17.07 4.61 -16.58
C VAL A 231 -15.81 3.75 -16.46
N ILE A 232 -14.75 4.12 -17.18
CA ILE A 232 -13.41 3.48 -17.11
C ILE A 232 -12.49 4.39 -16.27
N VAL A 233 -11.86 3.88 -15.21
CA VAL A 233 -10.84 4.60 -14.39
C VAL A 233 -9.53 3.82 -14.60
N ASN A 234 -8.52 4.44 -15.20
CA ASN A 234 -7.31 3.71 -15.62
C ASN A 234 -6.28 4.72 -16.14
N LEU A 235 -5.03 4.57 -15.73
CA LEU A 235 -3.89 5.43 -16.14
C LEU A 235 -3.56 5.25 -17.63
N GLN A 236 -3.75 4.04 -18.18
CA GLN A 236 -3.40 3.72 -19.58
C GLN A 236 -4.70 3.71 -20.39
N PRO A 237 -4.63 3.77 -21.75
CA PRO A 237 -5.78 3.39 -22.58
C PRO A 237 -6.25 1.98 -22.20
N THR A 238 -7.53 1.67 -22.40
CA THR A 238 -8.13 0.31 -22.33
C THR A 238 -8.77 -0.04 -23.66
N LYS A 239 -9.09 -1.33 -23.87
CA LYS A 239 -9.69 -1.82 -25.14
C LYS A 239 -10.93 -1.00 -25.49
N HIS A 240 -11.77 -0.65 -24.51
CA HIS A 240 -13.14 -0.13 -24.77
C HIS A 240 -13.27 1.36 -24.46
N ASP A 241 -12.18 2.12 -24.50
CA ASP A 241 -12.19 3.58 -24.22
C ASP A 241 -13.28 4.27 -25.05
N ARG A 242 -13.47 3.82 -26.29
CA ARG A 242 -14.44 4.38 -27.27
C ARG A 242 -15.87 4.31 -26.70
N HIS A 243 -16.19 3.22 -26.00
CA HIS A 243 -17.57 2.85 -25.55
C HIS A 243 -17.91 3.49 -24.20
N ALA A 244 -16.99 4.25 -23.57
CA ALA A 244 -17.12 4.77 -22.19
C ALA A 244 -17.77 6.15 -22.21
N ASP A 245 -18.75 6.36 -21.33
CA ASP A 245 -19.45 7.66 -21.14
C ASP A 245 -18.47 8.63 -20.46
N LEU A 246 -17.55 8.09 -19.65
CA LEU A 246 -16.59 8.88 -18.80
C LEU A 246 -15.31 8.05 -18.64
N ARG A 247 -14.16 8.66 -18.94
CA ARG A 247 -12.82 8.04 -18.74
C ARG A 247 -12.15 8.94 -17.72
N ILE A 248 -11.52 8.37 -16.70
CA ILE A 248 -10.80 9.14 -15.66
C ILE A 248 -9.38 8.59 -15.56
N HIS A 249 -8.44 9.36 -16.06
CA HIS A 249 -7.00 9.03 -16.03
C HIS A 249 -6.40 9.62 -14.74
N GLY A 250 -6.47 8.86 -13.64
CA GLY A 250 -5.76 9.14 -12.37
C GLY A 250 -5.50 7.86 -11.59
N TYR A 251 -4.73 7.96 -10.50
CA TYR A 251 -4.54 6.89 -9.48
C TYR A 251 -5.89 6.56 -8.85
N VAL A 252 -6.25 5.28 -8.85
CA VAL A 252 -7.60 4.82 -8.41
C VAL A 252 -7.83 5.19 -6.94
N ASP A 253 -6.82 5.07 -6.08
CA ASP A 253 -6.98 5.53 -4.67
C ASP A 253 -7.44 7.00 -4.61
N GLU A 254 -6.90 7.88 -5.47
CA GLU A 254 -7.26 9.32 -5.42
C GLU A 254 -8.72 9.49 -5.90
N VAL A 255 -9.08 8.86 -7.02
CA VAL A 255 -10.47 8.91 -7.57
C VAL A 255 -11.46 8.37 -6.52
N MET A 256 -11.14 7.29 -5.81
CA MET A 256 -12.12 6.61 -4.91
C MET A 256 -12.23 7.36 -3.59
N THR A 257 -11.16 7.98 -3.10
CA THR A 257 -11.23 8.79 -1.86
C THR A 257 -12.03 10.05 -2.15
N ARG A 258 -11.82 10.67 -3.32
CA ARG A 258 -12.53 11.90 -3.70
C ARG A 258 -14.01 11.59 -3.87
N LEU A 259 -14.36 10.46 -4.50
CA LEU A 259 -15.77 10.04 -4.70
C LEU A 259 -16.45 9.82 -3.34
N MET A 260 -15.85 9.00 -2.48
CA MET A 260 -16.34 8.65 -1.13
C MET A 260 -16.64 9.93 -0.35
N LYS A 261 -15.80 10.95 -0.47
CA LYS A 261 -15.97 12.26 0.20
C LYS A 261 -17.19 12.98 -0.37
N HIS A 262 -17.37 12.99 -1.69
CA HIS A 262 -18.58 13.53 -2.37
C HIS A 262 -19.83 12.76 -1.95
N LEU A 263 -19.72 11.45 -1.71
CA LEU A 263 -20.90 10.62 -1.39
C LEU A 263 -21.26 10.71 0.10
N GLY A 264 -20.45 11.38 0.94
CA GLY A 264 -20.67 11.46 2.39
C GLY A 264 -20.13 10.23 3.13
N LEU A 265 -19.29 9.40 2.51
CA LEU A 265 -18.92 8.07 3.11
C LEU A 265 -17.48 8.08 3.61
N GLU A 266 -17.26 7.62 4.83
CA GLU A 266 -15.91 7.33 5.35
C GLU A 266 -15.47 5.99 4.79
N ILE A 267 -14.16 5.81 4.57
CA ILE A 267 -13.49 4.52 4.23
C ILE A 267 -13.14 3.79 5.54
N PRO A 268 -13.71 2.60 5.81
CA PRO A 268 -13.50 1.90 7.07
C PRO A 268 -12.13 1.26 7.30
N ALA A 269 -11.78 1.14 8.58
CA ALA A 269 -10.58 0.45 9.06
C ALA A 269 -10.62 -1.00 8.54
N TRP A 270 -9.46 -1.52 8.14
CA TRP A 270 -9.28 -2.97 7.88
C TRP A 270 -8.97 -3.68 9.20
N ASP A 271 -9.71 -4.75 9.54
CA ASP A 271 -9.55 -5.47 10.83
C ASP A 271 -8.38 -6.47 10.75
N GLY A 272 -7.72 -6.56 9.58
CA GLY A 272 -6.79 -7.66 9.25
C GLY A 272 -7.59 -8.72 8.51
N PRO A 273 -6.97 -9.85 8.07
CA PRO A 273 -7.65 -10.79 7.18
C PRO A 273 -8.92 -11.39 7.82
N ARG A 274 -10.05 -11.29 7.11
CA ARG A 274 -11.36 -11.83 7.55
C ARG A 274 -12.11 -12.32 6.32
N VAL A 275 -12.98 -13.32 6.46
CA VAL A 275 -13.81 -13.89 5.35
C VAL A 275 -15.26 -13.69 5.72
N LEU A 276 -16.01 -12.95 4.88
CA LEU A 276 -17.47 -12.85 4.93
C LEU A 276 -18.09 -13.61 3.74
N GLU A 277 -18.84 -14.68 4.01
CA GLU A 277 -19.51 -15.49 2.96
C GLU A 277 -20.74 -14.78 2.40
N ARG A 278 -21.57 -14.22 3.29
CA ARG A 278 -22.88 -13.62 2.95
C ARG A 278 -22.95 -12.17 3.42
N ALA A 279 -23.38 -11.30 2.50
CA ALA A 279 -23.66 -9.86 2.68
C ALA A 279 -24.59 -9.71 3.89
N LEU A 280 -24.23 -8.79 4.79
CA LEU A 280 -25.04 -8.35 5.95
C LEU A 280 -26.15 -7.43 5.46
N PRO A 281 -27.20 -7.15 6.27
CA PRO A 281 -28.24 -6.19 5.88
C PRO A 281 -27.72 -4.77 5.71
N PRO A 282 -28.14 -4.02 4.67
CA PRO A 282 -27.63 -2.67 4.41
C PRO A 282 -27.62 -1.66 5.58
N LEU A 283 -26.57 -0.84 5.65
CA LEU A 283 -26.46 0.24 6.68
C LEU A 283 -27.14 1.52 6.20
N PRO A 284 -27.45 2.46 7.10
CA PRO A 284 -27.95 3.77 6.70
C PRO A 284 -26.93 4.41 5.72
N ARG A 285 -27.37 5.19 4.73
CA ARG A 285 -26.49 6.04 3.91
C ARG A 285 -26.99 7.48 3.88
N PRO A 286 -26.10 8.46 3.52
CA PRO A 286 -26.50 9.86 3.42
C PRO A 286 -27.68 10.09 2.47
N PRO A 287 -28.55 11.11 2.71
CA PRO A 287 -29.57 11.46 1.72
C PRO A 287 -28.92 11.96 0.43
N THR A 288 -29.63 11.79 -0.69
CA THR A 288 -29.15 12.09 -2.07
C THR A 288 -29.30 13.58 -2.37
N PRO A 289 -28.30 14.20 -3.03
CA PRO A 289 -28.41 15.59 -3.46
C PRO A 289 -29.44 15.68 -4.59
N LYS A 290 -30.08 16.85 -4.69
CA LYS A 290 -30.88 17.26 -5.87
C LYS A 290 -29.90 17.40 -7.03
N LEU A 291 -30.14 16.75 -8.15
CA LEU A 291 -29.22 16.77 -9.31
C LEU A 291 -29.67 17.79 -10.35
N GLU A 292 -30.73 17.53 -11.15
CA GLU A 292 -31.08 18.41 -12.30
C GLU A 292 -31.55 19.77 -11.78
N LYS B 9 25.92 8.60 -6.20
CA LYS B 9 24.59 8.08 -5.73
C LYS B 9 24.73 6.67 -5.12
N GLY B 10 25.95 6.29 -4.70
CA GLY B 10 26.25 5.04 -4.00
C GLY B 10 26.02 3.82 -4.86
N LYS B 11 25.93 2.65 -4.23
CA LYS B 11 25.75 1.33 -4.90
C LYS B 11 24.25 1.07 -5.02
N CYS B 12 23.78 0.82 -6.25
CA CYS B 12 22.34 0.77 -6.62
C CYS B 12 22.03 -0.59 -7.24
N GLY B 13 20.89 -1.19 -6.88
CA GLY B 13 20.34 -2.41 -7.50
C GLY B 13 21.15 -3.65 -7.16
N LEU B 14 21.80 -3.67 -5.99
CA LEU B 14 22.40 -4.91 -5.42
C LEU B 14 21.29 -5.95 -5.24
N PRO B 15 21.61 -7.26 -5.25
CA PRO B 15 20.59 -8.30 -5.15
C PRO B 15 19.88 -8.33 -3.78
N GLU B 16 18.61 -8.73 -3.80
CA GLU B 16 17.79 -8.90 -2.58
C GLU B 16 18.13 -10.24 -1.95
N ILE B 17 18.21 -10.25 -0.63
CA ILE B 17 18.36 -11.47 0.21
C ILE B 17 16.99 -11.72 0.84
N PHE B 18 16.50 -12.95 0.79
CA PHE B 18 15.30 -13.43 1.52
C PHE B 18 15.73 -14.54 2.47
N ASP B 19 15.60 -14.30 3.78
CA ASP B 19 15.67 -15.36 4.81
C ASP B 19 14.54 -16.34 4.55
N PRO B 20 14.79 -17.67 4.69
CA PRO B 20 13.72 -18.66 4.64
C PRO B 20 12.81 -18.54 5.87
N PRO B 21 11.56 -19.05 5.81
CA PRO B 21 10.53 -18.74 6.81
C PRO B 21 10.89 -19.08 8.26
N GLU B 22 11.58 -20.21 8.46
CA GLU B 22 11.97 -20.71 9.80
C GLU B 22 13.03 -19.77 10.39
N GLU B 23 14.01 -19.38 9.57
CA GLU B 23 15.08 -18.42 9.97
C GLU B 23 14.41 -17.08 10.29
N LEU B 24 13.54 -16.60 9.38
CA LEU B 24 12.83 -15.29 9.50
C LEU B 24 12.00 -15.29 10.78
N GLU B 25 11.22 -16.34 11.03
CA GLU B 25 10.44 -16.50 12.29
C GLU B 25 11.37 -16.45 13.51
N ARG B 26 12.52 -17.11 13.43
CA ARG B 26 13.48 -17.21 14.58
C ARG B 26 14.11 -15.82 14.85
N LYS B 27 14.39 -15.02 13.82
CA LYS B 27 15.07 -13.71 13.97
C LYS B 27 14.09 -12.66 14.52
N VAL B 28 12.81 -12.73 14.17
CA VAL B 28 11.78 -11.74 14.64
C VAL B 28 11.50 -12.01 16.13
N TRP B 29 11.58 -13.25 16.58
CA TRP B 29 11.42 -13.60 18.03
C TRP B 29 12.58 -12.96 18.80
N GLU B 30 13.79 -13.09 18.27
CA GLU B 30 15.02 -12.50 18.84
C GLU B 30 14.92 -10.97 18.83
N LEU B 31 14.32 -10.37 17.80
CA LEU B 31 14.06 -8.90 17.77
C LEU B 31 13.09 -8.57 18.91
N ALA B 32 12.04 -9.37 19.10
CA ALA B 32 11.08 -9.24 20.22
C ALA B 32 11.83 -9.23 21.56
N ARG B 33 12.72 -10.20 21.76
CA ARG B 33 13.53 -10.39 22.99
C ARG B 33 14.39 -9.13 23.23
N LEU B 34 14.94 -8.52 22.20
CA LEU B 34 15.81 -7.33 22.35
C LEU B 34 14.97 -6.10 22.73
N VAL B 35 13.75 -5.98 22.19
CA VAL B 35 12.83 -4.84 22.52
C VAL B 35 12.47 -4.95 24.01
N TRP B 36 12.03 -6.13 24.46
CA TRP B 36 11.71 -6.46 25.87
C TRP B 36 12.86 -6.12 26.83
N GLN B 37 14.10 -6.34 26.42
CA GLN B 37 15.30 -6.11 27.28
C GLN B 37 15.75 -4.64 27.28
N SER B 38 15.35 -3.86 26.26
CA SER B 38 15.92 -2.51 26.00
C SER B 38 15.15 -1.45 26.78
N SER B 39 15.88 -0.60 27.52
CA SER B 39 15.37 0.64 28.16
C SER B 39 15.02 1.68 27.09
N SER B 40 15.80 1.77 26.01
CA SER B 40 15.80 2.94 25.10
C SER B 40 15.94 2.46 23.65
N VAL B 41 14.80 2.25 22.96
CA VAL B 41 14.75 1.80 21.53
C VAL B 41 14.59 3.02 20.61
N VAL B 42 15.54 3.21 19.69
CA VAL B 42 15.45 4.23 18.63
C VAL B 42 15.32 3.51 17.29
N PHE B 43 14.40 3.99 16.45
CA PHE B 43 14.13 3.41 15.10
C PHE B 43 14.62 4.41 14.07
N HIS B 44 15.26 3.91 13.02
CA HIS B 44 15.81 4.66 11.87
C HIS B 44 15.13 4.17 10.60
N THR B 45 14.43 5.04 9.86
CA THR B 45 13.65 4.62 8.66
C THR B 45 14.13 5.27 7.36
N GLY B 46 14.12 4.48 6.28
CA GLY B 46 14.41 4.91 4.91
C GLY B 46 13.33 4.45 3.95
N ALA B 47 13.53 4.75 2.66
CA ALA B 47 12.52 4.71 1.58
C ALA B 47 11.85 3.34 1.50
N GLY B 48 12.55 2.31 1.98
CA GLY B 48 12.04 0.92 2.07
C GLY B 48 10.74 0.81 2.83
N ILE B 49 10.47 1.67 3.81
CA ILE B 49 9.21 1.54 4.61
C ILE B 49 8.04 2.10 3.82
N SER B 50 8.24 2.78 2.69
CA SER B 50 7.12 3.39 1.93
C SER B 50 6.94 2.69 0.59
N THR B 51 7.71 1.63 0.29
CA THR B 51 7.59 0.90 -1.00
C THR B 51 6.24 0.20 -1.08
N ALA B 52 5.69 -0.34 0.02
CA ALA B 52 4.38 -1.04 0.04
C ALA B 52 3.20 -0.03 -0.02
N SER B 53 3.44 1.28 -0.03
CA SER B 53 2.39 2.32 -0.28
C SER B 53 2.52 2.94 -1.69
N GLY B 54 3.33 2.35 -2.59
CA GLY B 54 3.44 2.76 -4.03
C GLY B 54 4.49 3.83 -4.30
N ILE B 55 5.31 4.16 -3.28
CA ILE B 55 6.46 5.10 -3.42
C ILE B 55 7.74 4.28 -3.64
N PRO B 56 8.43 4.49 -4.79
CA PRO B 56 9.65 3.74 -5.07
C PRO B 56 10.77 4.21 -4.14
N ASP B 57 11.72 3.34 -3.82
CA ASP B 57 12.94 3.71 -3.08
C ASP B 57 13.96 4.27 -4.09
N PHE B 58 15.22 4.39 -3.63
CA PHE B 58 16.35 5.02 -4.37
C PHE B 58 17.22 3.95 -5.02
N ARG B 59 17.63 2.93 -4.25
CA ARG B 59 18.73 2.00 -4.64
C ARG B 59 18.22 0.55 -4.77
N GLY B 60 16.96 0.26 -4.44
CA GLY B 60 16.32 -1.07 -4.66
C GLY B 60 16.29 -1.45 -6.14
N PRO B 61 15.83 -2.67 -6.52
CA PRO B 61 15.94 -3.11 -7.90
C PRO B 61 15.24 -2.14 -8.87
N HIS B 62 14.14 -1.51 -8.47
CA HIS B 62 13.39 -0.50 -9.28
C HIS B 62 13.53 0.90 -8.63
N GLY B 63 14.65 1.18 -7.98
CA GLY B 63 14.90 2.47 -7.28
C GLY B 63 15.04 3.66 -8.23
N VAL B 64 14.74 4.87 -7.76
CA VAL B 64 14.86 6.15 -8.54
C VAL B 64 16.27 6.24 -9.15
N TRP B 65 17.35 6.05 -8.35
CA TRP B 65 18.75 6.09 -8.83
C TRP B 65 19.04 4.85 -9.70
N THR B 66 18.64 3.65 -9.25
CA THR B 66 18.83 2.36 -9.97
C THR B 66 18.30 2.45 -11.41
N MET B 67 17.09 2.98 -11.59
CA MET B 67 16.44 3.04 -12.92
C MET B 67 17.12 4.12 -13.76
N GLU B 68 17.52 5.23 -13.14
CA GLU B 68 18.36 6.30 -13.75
C GLU B 68 19.62 5.69 -14.39
N GLU B 69 20.36 4.87 -13.62
CA GLU B 69 21.59 4.17 -14.05
C GLU B 69 21.35 3.34 -15.32
N ARG B 70 20.18 2.69 -15.45
CA ARG B 70 19.82 1.84 -16.63
C ARG B 70 19.00 2.66 -17.64
N GLY B 71 18.89 3.98 -17.46
CA GLY B 71 18.15 4.88 -18.37
C GLY B 71 16.66 4.56 -18.42
N LEU B 72 16.08 4.18 -17.28
CA LEU B 72 14.63 3.89 -17.13
C LEU B 72 14.05 4.87 -16.09
N ALA B 73 12.72 4.92 -15.95
CA ALA B 73 12.03 5.83 -15.00
C ALA B 73 11.56 5.05 -13.78
N PRO B 74 11.63 5.64 -12.56
CA PRO B 74 10.98 5.08 -11.39
C PRO B 74 9.46 5.25 -11.55
N LYS B 75 8.71 4.37 -10.90
CA LYS B 75 7.25 4.22 -11.15
C LYS B 75 6.56 4.41 -9.80
N PHE B 76 5.69 5.42 -9.75
CA PHE B 76 4.79 5.73 -8.61
C PHE B 76 3.45 5.06 -8.87
N ASP B 77 2.89 4.40 -7.84
CA ASP B 77 1.57 3.74 -7.86
C ASP B 77 0.60 4.62 -7.07
N THR B 78 1.08 5.76 -6.57
CA THR B 78 0.34 6.76 -5.76
C THR B 78 0.93 8.15 -5.99
N THR B 79 0.23 9.21 -5.58
CA THR B 79 0.81 10.57 -5.34
C THR B 79 1.20 10.64 -3.87
N PHE B 80 2.04 11.59 -3.47
CA PHE B 80 2.43 11.74 -2.04
C PHE B 80 1.19 12.07 -1.20
N GLU B 81 0.25 12.83 -1.78
CA GLU B 81 -1.02 13.25 -1.14
C GLU B 81 -1.96 12.07 -0.91
N SER B 82 -2.07 11.16 -1.88
CA SER B 82 -3.00 10.00 -1.78
C SER B 82 -2.33 8.80 -1.08
N ALA B 83 -1.05 8.91 -0.71
CA ALA B 83 -0.27 7.78 -0.15
C ALA B 83 -0.77 7.48 1.27
N ARG B 84 -1.02 6.22 1.59
CA ARG B 84 -1.42 5.83 2.96
C ARG B 84 -0.18 5.33 3.68
N PRO B 85 -0.04 5.68 4.98
CA PRO B 85 0.97 5.05 5.83
C PRO B 85 0.80 3.52 5.76
N THR B 86 1.91 2.79 5.83
CA THR B 86 1.98 1.32 5.79
C THR B 86 1.74 0.79 7.19
N GLN B 87 1.55 -0.53 7.25
CA GLN B 87 1.50 -1.36 8.47
C GLN B 87 2.70 -1.03 9.37
N THR B 88 3.87 -0.87 8.78
CA THR B 88 5.13 -0.51 9.48
C THR B 88 5.00 0.90 10.06
N HIS B 89 4.46 1.87 9.30
CA HIS B 89 4.21 3.25 9.79
C HIS B 89 3.28 3.24 11.01
N MET B 90 2.19 2.49 10.90
CA MET B 90 1.14 2.44 11.95
C MET B 90 1.65 1.64 13.14
N ALA B 91 2.54 0.64 12.95
CA ALA B 91 3.16 -0.10 14.06
C ALA B 91 4.05 0.87 14.87
N LEU B 92 4.75 1.75 14.18
CA LEU B 92 5.71 2.69 14.82
C LEU B 92 4.91 3.67 15.67
N VAL B 93 3.71 4.06 15.19
CA VAL B 93 2.79 4.97 15.94
C VAL B 93 2.48 4.31 17.28
N GLN B 94 1.96 3.06 17.26
CA GLN B 94 1.58 2.25 18.44
C GLN B 94 2.76 1.99 19.38
N LEU B 95 3.94 1.67 18.86
CA LEU B 95 5.13 1.32 19.69
C LEU B 95 5.49 2.54 20.57
N GLU B 96 5.30 3.76 20.07
CA GLU B 96 5.63 5.05 20.76
C GLU B 96 4.57 5.32 21.82
N ARG B 97 3.31 4.98 21.53
CA ARG B 97 2.16 5.30 22.40
C ARG B 97 2.23 4.47 23.68
N VAL B 98 2.74 3.23 23.62
CA VAL B 98 2.83 2.29 24.77
C VAL B 98 4.22 2.37 25.41
N GLY B 99 5.07 3.30 24.95
CA GLY B 99 6.36 3.61 25.59
C GLY B 99 7.50 2.69 25.16
N LEU B 100 7.34 1.94 24.07
CA LEU B 100 8.34 0.92 23.63
C LEU B 100 9.32 1.49 22.61
N LEU B 101 9.07 2.69 22.07
CA LEU B 101 9.95 3.45 21.11
C LEU B 101 10.28 4.79 21.77
N ARG B 102 11.56 5.18 21.80
CA ARG B 102 12.02 6.43 22.49
C ARG B 102 12.07 7.54 21.45
N PHE B 103 12.64 7.27 20.27
CA PHE B 103 12.82 8.27 19.20
C PHE B 103 12.80 7.59 17.85
N LEU B 104 12.31 8.33 16.86
CA LEU B 104 12.22 7.87 15.45
C LEU B 104 13.08 8.81 14.61
N VAL B 105 14.11 8.29 13.94
CA VAL B 105 14.93 9.06 12.96
C VAL B 105 14.57 8.61 11.55
N SER B 106 14.05 9.49 10.69
CA SER B 106 13.74 9.17 9.27
C SER B 106 14.54 10.03 8.31
N GLN B 107 14.89 9.45 7.16
CA GLN B 107 15.52 10.10 5.99
C GLN B 107 14.44 10.41 4.96
N ASN B 108 13.17 9.99 5.21
CA ASN B 108 12.10 10.09 4.19
C ASN B 108 11.49 11.49 4.19
N VAL B 109 11.31 12.03 2.99
CA VAL B 109 10.68 13.35 2.71
C VAL B 109 9.21 13.14 2.32
N ASP B 110 8.72 11.89 2.35
CA ASP B 110 7.33 11.55 1.94
C ASP B 110 6.26 12.15 2.88
N GLY B 111 6.60 12.56 4.09
CA GLY B 111 5.64 13.17 5.04
C GLY B 111 4.74 12.16 5.74
N LEU B 112 4.91 10.86 5.53
CA LEU B 112 3.94 9.82 5.99
C LEU B 112 4.04 9.56 7.50
N HIS B 113 5.22 9.66 8.10
CA HIS B 113 5.37 9.56 9.57
C HIS B 113 4.47 10.60 10.23
N VAL B 114 4.49 11.86 9.76
CA VAL B 114 3.70 12.99 10.33
C VAL B 114 2.21 12.71 10.08
N ARG B 115 1.85 12.31 8.87
CA ARG B 115 0.43 12.11 8.46
C ARG B 115 -0.18 10.92 9.22
N SER B 116 0.65 9.98 9.69
CA SER B 116 0.28 8.77 10.46
C SER B 116 -0.14 9.14 11.90
N GLY B 117 0.15 10.38 12.31
CA GLY B 117 -0.18 10.93 13.63
C GLY B 117 0.97 10.70 14.60
N PHE B 118 2.16 10.43 14.07
CA PHE B 118 3.34 10.20 14.93
C PHE B 118 3.74 11.54 15.54
N PRO B 119 4.04 11.63 16.86
CA PRO B 119 4.41 12.90 17.47
C PRO B 119 5.72 13.49 16.94
N ARG B 120 5.63 14.72 16.42
CA ARG B 120 6.76 15.52 15.86
C ARG B 120 7.88 15.68 16.89
N ASP B 121 7.58 15.79 18.19
CA ASP B 121 8.64 16.03 19.20
C ASP B 121 9.47 14.75 19.39
N LYS B 122 9.04 13.60 18.83
CA LYS B 122 9.84 12.36 18.92
C LYS B 122 10.33 11.91 17.55
N LEU B 123 10.39 12.82 16.56
CA LEU B 123 10.75 12.51 15.16
C LEU B 123 11.79 13.50 14.63
N ALA B 124 12.92 13.01 14.14
CA ALA B 124 13.87 13.79 13.31
C ALA B 124 13.59 13.46 11.84
N GLU B 125 13.22 14.47 11.05
CA GLU B 125 13.08 14.37 9.57
C GLU B 125 14.34 14.96 8.96
N LEU B 126 15.37 14.11 8.80
CA LEU B 126 16.78 14.52 8.54
C LEU B 126 16.90 15.21 7.18
N HIS B 127 16.13 14.79 6.17
CA HIS B 127 16.28 15.30 4.77
C HIS B 127 15.09 16.20 4.45
N GLY B 128 14.26 16.50 5.46
CA GLY B 128 13.08 17.36 5.32
C GLY B 128 11.83 16.57 5.00
N ASN B 129 10.75 17.29 4.73
CA ASN B 129 9.34 16.83 4.62
C ASN B 129 8.68 17.65 3.53
N MET B 130 8.19 16.98 2.48
CA MET B 130 7.62 17.58 1.25
C MET B 130 6.44 18.49 1.59
N PHE B 131 5.70 18.15 2.65
CA PHE B 131 4.48 18.87 3.09
C PHE B 131 4.80 20.02 4.05
N VAL B 132 6.06 20.24 4.40
CA VAL B 132 6.43 21.22 5.48
C VAL B 132 7.21 22.39 4.90
N GLU B 133 6.72 23.61 5.13
CA GLU B 133 7.47 24.86 4.83
C GLU B 133 7.81 25.59 6.13
N GLU B 134 8.95 26.28 6.12
CA GLU B 134 9.55 26.95 7.31
C GLU B 134 9.72 28.44 7.01
N CYS B 135 9.38 29.30 7.97
CA CYS B 135 9.59 30.77 7.86
C CYS B 135 11.08 31.07 8.02
N ALA B 136 11.68 31.75 7.04
CA ALA B 136 13.11 32.13 7.02
C ALA B 136 13.44 33.01 8.24
N LYS B 137 12.47 33.75 8.79
CA LYS B 137 12.68 34.64 9.96
C LYS B 137 12.44 33.87 11.27
N CYS B 138 11.17 33.61 11.62
CA CYS B 138 10.80 33.06 12.96
C CYS B 138 11.08 31.55 13.02
N LYS B 139 11.41 30.90 11.89
CA LYS B 139 11.71 29.44 11.79
C LYS B 139 10.45 28.64 12.11
N THR B 140 9.27 29.27 12.10
CA THR B 140 7.97 28.61 12.33
C THR B 140 7.66 27.67 11.16
N GLN B 141 7.28 26.43 11.47
CA GLN B 141 6.95 25.39 10.47
C GLN B 141 5.43 25.35 10.27
N TYR B 142 5.01 24.97 9.06
CA TYR B 142 3.60 24.72 8.69
C TYR B 142 3.50 23.35 8.02
N VAL B 143 2.66 22.46 8.56
CA VAL B 143 2.39 21.13 7.95
C VAL B 143 1.17 21.32 7.04
N ARG B 144 1.40 21.42 5.72
CA ARG B 144 0.35 21.61 4.68
C ARG B 144 -0.29 20.27 4.32
N ASP B 145 -1.53 20.32 3.82
CA ASP B 145 -2.36 19.17 3.38
C ASP B 145 -1.97 18.76 1.96
N THR B 146 -1.36 19.65 1.16
CA THR B 146 -0.72 19.32 -0.16
C THR B 146 0.80 19.49 -0.08
N VAL B 147 1.52 18.98 -1.11
CA VAL B 147 3.01 19.07 -1.15
C VAL B 147 3.39 20.51 -1.50
N VAL B 148 4.33 21.07 -0.74
CA VAL B 148 5.06 22.32 -1.07
C VAL B 148 5.77 22.11 -2.43
N GLY B 149 5.48 22.97 -3.41
CA GLY B 149 5.78 22.72 -4.83
C GLY B 149 7.24 22.91 -5.22
N THR B 150 8.13 23.29 -4.31
CA THR B 150 9.58 23.51 -4.60
C THR B 150 10.44 22.51 -3.81
N MET B 151 11.72 22.40 -4.17
CA MET B 151 12.77 21.63 -3.42
C MET B 151 14.04 22.47 -3.37
N GLY B 152 14.85 22.32 -2.32
CA GLY B 152 16.19 22.91 -2.20
C GLY B 152 16.21 24.18 -1.34
N LEU B 153 15.33 24.27 -0.34
CA LEU B 153 15.22 25.40 0.62
C LEU B 153 14.93 26.71 -0.15
N LYS B 154 14.07 26.64 -1.17
CA LYS B 154 13.65 27.82 -2.00
C LYS B 154 12.38 28.45 -1.44
N ALA B 155 12.08 29.68 -1.89
CA ALA B 155 10.82 30.40 -1.59
C ALA B 155 9.68 29.68 -2.32
N THR B 156 8.58 29.44 -1.61
CA THR B 156 7.36 28.74 -2.13
C THR B 156 6.38 29.79 -2.67
N GLY B 157 6.49 31.04 -2.19
CA GLY B 157 5.67 32.17 -2.66
C GLY B 157 4.70 32.62 -1.58
N ARG B 158 4.55 31.84 -0.51
CA ARG B 158 3.66 32.17 0.63
C ARG B 158 4.48 32.91 1.70
N LEU B 159 3.81 33.72 2.51
CA LEU B 159 4.39 34.51 3.63
C LEU B 159 3.85 33.97 4.97
N CYS B 160 4.59 34.26 6.05
CA CYS B 160 4.33 33.76 7.43
C CYS B 160 3.14 34.50 8.05
N THR B 161 2.32 33.81 8.85
CA THR B 161 1.06 34.35 9.44
C THR B 161 1.18 34.52 10.96
N VAL B 162 2.34 34.22 11.56
CA VAL B 162 2.58 34.33 13.04
C VAL B 162 2.18 35.73 13.51
N ALA B 163 1.39 35.79 14.59
CA ALA B 163 0.78 37.02 15.16
C ALA B 163 1.86 38.08 15.38
N CYS B 171 4.30 38.73 10.87
CA CYS B 171 5.73 38.42 10.56
C CYS B 171 5.97 38.62 9.06
N ARG B 172 5.11 38.01 8.23
CA ARG B 172 5.16 38.10 6.74
C ARG B 172 6.51 37.61 6.24
N GLY B 173 7.24 36.84 7.06
CA GLY B 173 8.49 36.18 6.65
C GLY B 173 8.27 35.26 5.46
N GLU B 174 9.26 35.20 4.56
CA GLU B 174 9.26 34.33 3.35
C GLU B 174 9.29 32.86 3.80
N LEU B 175 8.34 32.05 3.32
CA LEU B 175 8.27 30.59 3.59
C LEU B 175 9.13 29.88 2.56
N ARG B 176 9.92 28.90 3.00
CA ARG B 176 10.81 28.07 2.15
C ARG B 176 10.48 26.60 2.38
N ASP B 177 10.80 25.74 1.40
CA ASP B 177 10.65 24.26 1.54
C ASP B 177 11.71 23.79 2.52
N THR B 178 11.64 22.52 2.92
CA THR B 178 12.56 21.89 3.91
C THR B 178 13.36 20.79 3.21
N ILE B 179 13.27 20.69 1.90
CA ILE B 179 13.90 19.56 1.17
C ILE B 179 15.37 19.96 0.92
N LEU B 180 16.30 19.24 1.57
CA LEU B 180 17.76 19.42 1.38
C LEU B 180 18.11 19.08 -0.06
N ASP B 181 18.98 19.89 -0.68
CA ASP B 181 19.70 19.56 -1.94
C ASP B 181 20.99 18.83 -1.55
N TRP B 182 21.62 18.13 -2.50
CA TRP B 182 22.85 17.32 -2.29
C TRP B 182 23.84 18.07 -1.40
N GLU B 183 24.04 19.37 -1.63
CA GLU B 183 25.08 20.20 -0.95
C GLU B 183 24.63 20.56 0.46
N ASP B 184 23.33 20.81 0.66
CA ASP B 184 22.73 21.36 1.91
C ASP B 184 22.95 20.37 3.07
N SER B 185 23.51 20.85 4.18
CA SER B 185 23.71 20.05 5.42
C SER B 185 22.39 19.95 6.18
N LEU B 186 22.31 18.96 7.07
CA LEU B 186 21.08 18.53 7.78
C LEU B 186 20.65 19.63 8.72
N PRO B 187 19.34 19.72 9.07
CA PRO B 187 18.86 20.67 10.07
C PRO B 187 19.51 20.38 11.43
N ASP B 188 20.06 21.43 12.07
CA ASP B 188 20.86 21.32 13.32
C ASP B 188 20.02 20.70 14.42
N ARG B 189 18.77 21.14 14.58
CA ARG B 189 17.86 20.68 15.66
C ARG B 189 17.64 19.17 15.49
N ASP B 190 17.13 18.76 14.32
CA ASP B 190 16.73 17.35 14.06
C ASP B 190 17.94 16.42 14.21
N LEU B 191 19.11 16.82 13.67
CA LEU B 191 20.34 15.99 13.65
C LEU B 191 20.87 15.86 15.09
N ALA B 192 20.88 16.94 15.84
CA ALA B 192 21.35 16.99 17.25
C ALA B 192 20.50 16.04 18.08
N LEU B 193 19.18 16.14 18.00
CA LEU B 193 18.21 15.25 18.74
C LEU B 193 18.40 13.79 18.27
N ALA B 194 18.56 13.57 16.96
CA ALA B 194 18.80 12.23 16.38
C ALA B 194 20.09 11.64 16.96
N ASP B 195 21.16 12.43 16.96
CA ASP B 195 22.51 12.03 17.46
C ASP B 195 22.39 11.61 18.93
N GLU B 196 21.79 12.49 19.72
CA GLU B 196 21.60 12.31 21.18
C GLU B 196 20.81 11.02 21.44
N ALA B 197 19.65 10.86 20.82
CA ALA B 197 18.79 9.65 20.98
C ALA B 197 19.60 8.40 20.58
N SER B 198 20.42 8.50 19.54
CA SER B 198 21.22 7.38 19.00
C SER B 198 22.29 6.96 20.00
N ARG B 199 23.01 7.93 20.58
CA ARG B 199 24.13 7.67 21.55
C ARG B 199 23.59 6.98 22.81
N ASN B 200 22.42 7.40 23.28
CA ASN B 200 21.83 6.97 24.58
C ASN B 200 21.03 5.67 24.41
N ALA B 201 20.73 5.27 23.18
CA ALA B 201 19.91 4.06 22.91
C ALA B 201 20.68 2.81 23.32
N ASP B 202 20.02 1.80 23.89
CA ASP B 202 20.61 0.44 24.03
C ASP B 202 20.13 -0.48 22.88
N LEU B 203 19.17 -0.03 22.06
CA LEU B 203 18.73 -0.75 20.83
C LEU B 203 18.40 0.26 19.72
N SER B 204 19.13 0.18 18.62
CA SER B 204 18.82 0.91 17.36
C SER B 204 18.40 -0.12 16.32
N ILE B 205 17.22 0.06 15.71
CA ILE B 205 16.63 -0.87 14.67
C ILE B 205 16.45 -0.01 13.42
N THR B 206 17.07 -0.42 12.31
CA THR B 206 17.00 0.28 10.99
C THR B 206 15.98 -0.44 10.10
N LEU B 207 15.06 0.30 9.48
CA LEU B 207 13.96 -0.30 8.68
C LEU B 207 14.06 0.26 7.26
N GLY B 208 14.25 -0.60 6.26
CA GLY B 208 14.32 -0.20 4.84
C GLY B 208 15.21 1.02 4.63
N THR B 209 16.45 0.99 5.12
CA THR B 209 17.53 1.93 4.73
C THR B 209 18.80 1.12 4.38
N SER B 210 19.52 1.55 3.34
CA SER B 210 20.79 0.93 2.90
C SER B 210 21.97 1.60 3.63
N LEU B 211 21.70 2.66 4.40
CA LEU B 211 22.59 3.33 5.40
C LEU B 211 23.82 3.94 4.71
N GLN B 212 23.69 4.30 3.43
CA GLN B 212 24.82 4.73 2.58
C GLN B 212 25.08 6.24 2.72
N ILE B 213 24.16 7.01 3.32
CA ILE B 213 24.24 8.51 3.38
C ILE B 213 24.80 8.93 4.74
N ARG B 214 25.83 9.79 4.73
CA ARG B 214 26.42 10.45 5.91
C ARG B 214 25.71 11.77 6.16
N PRO B 215 25.44 12.16 7.42
CA PRO B 215 25.66 11.31 8.59
C PRO B 215 24.48 10.39 8.97
N SER B 216 23.37 10.52 8.25
CA SER B 216 22.10 9.79 8.48
C SER B 216 22.38 8.30 8.74
N GLY B 217 23.08 7.65 7.83
CA GLY B 217 23.30 6.19 7.81
C GLY B 217 24.30 5.75 8.86
N ASN B 218 25.03 6.67 9.49
CA ASN B 218 26.04 6.36 10.53
C ASN B 218 25.44 6.44 11.94
N LEU B 219 24.31 7.13 12.12
CA LEU B 219 23.66 7.36 13.45
C LEU B 219 23.40 6.04 14.17
N PRO B 220 22.86 4.96 13.53
CA PRO B 220 22.71 3.67 14.20
C PRO B 220 24.00 3.14 14.83
N LEU B 221 25.16 3.43 14.22
CA LEU B 221 26.50 2.98 14.72
C LEU B 221 26.80 3.57 16.10
N ALA B 222 26.28 4.77 16.39
CA ALA B 222 26.52 5.49 17.66
C ALA B 222 25.89 4.71 18.83
N THR B 223 24.83 3.93 18.57
CA THR B 223 24.23 2.99 19.56
C THR B 223 25.27 1.92 19.92
N LYS B 224 26.10 1.49 18.96
CA LYS B 224 27.09 0.39 19.18
C LYS B 224 28.10 0.77 20.26
N ARG B 225 28.42 2.06 20.43
CA ARG B 225 29.35 2.58 21.48
C ARG B 225 28.70 2.44 22.86
N ARG B 226 29.41 1.80 23.80
CA ARG B 226 28.98 1.51 25.20
C ARG B 226 27.93 0.38 25.19
N GLY B 227 28.04 -0.54 24.24
CA GLY B 227 27.49 -1.91 24.36
C GLY B 227 26.07 -2.03 23.84
N GLY B 228 25.52 -1.00 23.19
CA GLY B 228 24.19 -1.04 22.58
C GLY B 228 24.11 -2.05 21.45
N ARG B 229 22.93 -2.64 21.21
CA ARG B 229 22.66 -3.59 20.11
C ARG B 229 22.15 -2.83 18.88
N LEU B 230 22.49 -3.30 17.68
CA LEU B 230 22.04 -2.76 16.37
C LEU B 230 21.30 -3.87 15.63
N VAL B 231 20.10 -3.59 15.09
CA VAL B 231 19.33 -4.56 14.24
C VAL B 231 19.06 -3.92 12.89
N ILE B 232 19.46 -4.57 11.79
CA ILE B 232 19.25 -4.09 10.40
C ILE B 232 18.15 -4.96 9.80
N VAL B 233 17.05 -4.36 9.32
CA VAL B 233 15.93 -5.04 8.59
C VAL B 233 15.92 -4.46 7.18
N ASN B 234 16.26 -5.23 6.16
CA ASN B 234 16.47 -4.73 4.78
C ASN B 234 16.60 -5.92 3.84
N LEU B 235 16.06 -5.80 2.63
CA LEU B 235 16.10 -6.85 1.57
C LEU B 235 17.49 -6.91 0.92
N GLN B 236 18.20 -5.78 0.83
CA GLN B 236 19.56 -5.70 0.25
C GLN B 236 20.59 -5.63 1.36
N PRO B 237 21.89 -5.80 1.01
CA PRO B 237 22.99 -5.45 1.91
C PRO B 237 22.98 -3.93 2.18
N THR B 238 23.42 -3.55 3.39
CA THR B 238 23.59 -2.14 3.84
C THR B 238 25.08 -1.90 4.06
N LYS B 239 25.51 -0.65 4.20
CA LYS B 239 26.93 -0.30 4.50
C LYS B 239 27.41 -1.08 5.74
N HIS B 240 26.59 -1.17 6.79
CA HIS B 240 27.02 -1.51 8.17
C HIS B 240 26.59 -2.92 8.58
N ASP B 241 26.36 -3.84 7.64
CA ASP B 241 25.88 -5.22 7.91
C ASP B 241 26.81 -5.92 8.91
N ARG B 242 28.12 -5.62 8.82
CA ARG B 242 29.21 -6.15 9.68
C ARG B 242 28.93 -5.78 11.15
N HIS B 243 28.48 -4.55 11.43
CA HIS B 243 28.32 -4.02 12.82
C HIS B 243 26.98 -4.43 13.47
N ALA B 244 26.12 -5.20 12.78
CA ALA B 244 24.73 -5.52 13.21
C ALA B 244 24.70 -6.80 14.05
N ASP B 245 24.03 -6.76 15.20
CA ASP B 245 23.89 -7.95 16.09
C ASP B 245 22.90 -8.91 15.44
N LEU B 246 22.02 -8.38 14.58
CA LEU B 246 20.91 -9.13 13.96
C LEU B 246 20.58 -8.47 12.62
N ARG B 247 20.59 -9.25 11.54
CA ARG B 247 20.16 -8.80 10.20
C ARG B 247 18.92 -9.62 9.86
N ILE B 248 17.86 -8.96 9.41
CA ILE B 248 16.61 -9.63 8.98
C ILE B 248 16.34 -9.20 7.54
N HIS B 249 16.50 -10.14 6.61
CA HIS B 249 16.18 -10.01 5.18
C HIS B 249 14.75 -10.46 4.98
N GLY B 250 13.82 -9.52 5.12
CA GLY B 250 12.40 -9.70 4.80
C GLY B 250 11.71 -8.37 4.49
N TYR B 251 10.50 -8.42 3.96
CA TYR B 251 9.59 -7.26 3.79
C TYR B 251 9.27 -6.70 5.19
N VAL B 252 9.50 -5.41 5.39
CA VAL B 252 9.41 -4.74 6.73
C VAL B 252 7.99 -4.89 7.27
N ASP B 253 6.97 -4.82 6.41
CA ASP B 253 5.57 -5.02 6.84
C ASP B 253 5.44 -6.38 7.51
N GLU B 254 6.09 -7.43 7.00
CA GLU B 254 5.94 -8.80 7.54
C GLU B 254 6.68 -8.92 8.88
N VAL B 255 7.87 -8.33 8.97
CA VAL B 255 8.73 -8.36 10.19
C VAL B 255 8.01 -7.58 11.30
N MET B 256 7.40 -6.45 10.97
CA MET B 256 6.78 -5.56 12.00
C MET B 256 5.44 -6.14 12.46
N THR B 257 4.64 -6.74 11.57
CA THR B 257 3.34 -7.37 11.93
C THR B 257 3.62 -8.59 12.82
N ARG B 258 4.62 -9.41 12.47
CA ARG B 258 5.04 -10.58 13.30
C ARG B 258 5.53 -10.08 14.67
N LEU B 259 6.35 -9.02 14.70
CA LEU B 259 6.91 -8.43 15.94
C LEU B 259 5.79 -7.96 16.88
N MET B 260 4.92 -7.11 16.36
CA MET B 260 3.75 -6.53 17.05
C MET B 260 2.91 -7.63 17.67
N LYS B 261 2.74 -8.75 16.96
CA LYS B 261 1.97 -9.94 17.44
C LYS B 261 2.68 -10.58 18.64
N HIS B 262 4.00 -10.76 18.58
CA HIS B 262 4.81 -11.26 19.72
C HIS B 262 4.68 -10.30 20.91
N LEU B 263 4.62 -8.99 20.65
CA LEU B 263 4.62 -7.98 21.74
C LEU B 263 3.24 -7.84 22.37
N GLY B 264 2.19 -8.47 21.82
CA GLY B 264 0.78 -8.33 22.27
C GLY B 264 0.11 -7.04 21.77
N LEU B 265 0.65 -6.40 20.75
CA LEU B 265 0.20 -5.05 20.31
C LEU B 265 -0.56 -5.17 18.98
N GLU B 266 -1.76 -4.59 18.94
CA GLU B 266 -2.53 -4.40 17.68
C GLU B 266 -1.94 -3.20 16.94
N ILE B 267 -2.03 -3.21 15.60
CA ILE B 267 -1.65 -2.09 14.70
C ILE B 267 -2.92 -1.26 14.50
N PRO B 268 -2.91 0.01 14.95
CA PRO B 268 -4.11 0.84 14.96
C PRO B 268 -4.55 1.33 13.57
N ALA B 269 -5.84 1.67 13.49
CA ALA B 269 -6.48 2.28 12.31
C ALA B 269 -5.83 3.64 12.05
N TRP B 270 -5.74 4.01 10.79
CA TRP B 270 -5.31 5.35 10.33
C TRP B 270 -6.54 6.22 10.15
N ASP B 271 -6.61 7.36 10.84
CA ASP B 271 -7.79 8.26 10.83
C ASP B 271 -7.80 9.10 9.56
N GLY B 272 -6.81 8.91 8.68
CA GLY B 272 -6.54 9.86 7.58
C GLY B 272 -5.50 10.88 8.07
N PRO B 273 -5.14 11.90 7.25
CA PRO B 273 -4.02 12.77 7.57
C PRO B 273 -4.27 13.63 8.83
N ARG B 274 -3.34 13.55 9.77
CA ARG B 274 -3.41 14.27 11.07
C ARG B 274 -2.00 14.61 11.52
N VAL B 275 -1.87 15.71 12.26
CA VAL B 275 -0.56 16.24 12.75
C VAL B 275 -0.66 16.27 14.27
N LEU B 276 0.23 15.52 14.94
CA LEU B 276 0.43 15.56 16.39
C LEU B 276 1.79 16.22 16.70
N GLU B 277 1.77 17.44 17.24
CA GLU B 277 3.02 18.17 17.59
C GLU B 277 3.70 17.48 18.75
N ARG B 278 2.95 17.03 19.79
CA ARG B 278 3.52 16.59 21.09
C ARG B 278 2.98 15.22 21.48
N ALA B 279 3.91 14.33 21.86
CA ALA B 279 3.64 12.98 22.42
C ALA B 279 2.63 13.10 23.57
N LEU B 280 1.55 12.33 23.49
CA LEU B 280 0.53 12.16 24.55
C LEU B 280 1.15 11.31 25.65
N PRO B 281 0.54 11.22 26.86
CA PRO B 281 1.06 10.34 27.91
C PRO B 281 0.93 8.85 27.54
N PRO B 282 1.96 8.03 27.83
CA PRO B 282 1.94 6.60 27.51
C PRO B 282 0.67 5.78 27.86
N LEU B 283 0.32 4.84 26.98
CA LEU B 283 -0.83 3.92 27.18
C LEU B 283 -0.38 2.66 27.92
N PRO B 284 -1.33 1.90 28.52
CA PRO B 284 -1.00 0.62 29.14
C PRO B 284 -0.37 -0.27 28.07
N ARG B 285 0.54 -1.17 28.45
CA ARG B 285 1.12 -2.18 27.54
C ARG B 285 1.11 -3.55 28.21
N PRO B 286 1.15 -4.66 27.42
CA PRO B 286 1.19 -5.99 28.01
C PRO B 286 2.35 -6.17 28.99
N PRO B 287 2.21 -7.02 30.04
CA PRO B 287 3.35 -7.39 30.87
C PRO B 287 4.39 -8.16 30.04
N THR B 288 5.65 -8.08 30.46
CA THR B 288 6.83 -8.64 29.74
C THR B 288 6.97 -10.12 30.06
N PRO B 289 7.28 -10.96 29.05
CA PRO B 289 7.64 -12.36 29.30
C PRO B 289 8.95 -12.48 30.08
N LYS B 290 9.09 -13.59 30.81
CA LYS B 290 10.36 -14.05 31.45
C LYS B 290 11.30 -14.45 30.30
N LEU B 291 12.53 -13.96 30.28
CA LEU B 291 13.47 -14.21 29.15
C LEU B 291 14.48 -15.32 29.51
N GLU B 292 15.35 -15.10 30.50
CA GLU B 292 16.38 -16.10 30.93
C GLU B 292 15.72 -17.14 31.83
#